data_3L0A
#
_entry.id   3L0A
#
_cell.length_a   88.248
_cell.length_b   88.248
_cell.length_c   69.350
_cell.angle_alpha   90.000
_cell.angle_beta   90.000
_cell.angle_gamma   120.000
#
_symmetry.space_group_name_H-M   'P 63'
#
loop_
_entity.id
_entity.type
_entity.pdbx_description
1 polymer 'Putative exonuclease'
2 non-polymer 'ZINC ION'
3 non-polymer 2-AMINO-2-HYDROXYMETHYL-PROPANE-1,3-DIOL
4 non-polymer 2-{2-[2-(2-{2-[2-(2-ETHOXY-ETHOXY)-ETHOXY]-ETHOXY}-ETHOXY)-ETHOXY]-ETHOXY}-ETHANOL
5 water water
#
_entity_poly.entity_id   1
_entity_poly.type   'polypeptide(L)'
_entity_poly.pdbx_seq_one_letter_code
;G(MSE)QLTSENYYSQEANKEY(MSE)SVSGYKDFAGTYGK(MSE)PCEFYG(MSE)EKLNGRWEDEKSTALLVGSYVDS
YFEGSLDQFKKDNPEIFTQKGELKANFKQAEEIIARIERDEYF(MSE)KY(MSE)SGQKQVI(MSE)TGELFGAKWKIK
(MSE)DSYIPGVAIVDLKV(MSE)ASITDLKWVKDIGYLDFVRYWGYDIQGAVYQEIVRQNTGEKLPFFIAGATKQTEPD
IRIIHVTDNYLQEALH(MSE)VE(MSE)N(MSE)PRILRVKNGEVEPDRCELCDCCRHNRVLKKPISI(MSE)DLTAGI
;
_entity_poly.pdbx_strand_id   A
#
loop_
_chem_comp.id
_chem_comp.type
_chem_comp.name
_chem_comp.formula
PE4 non-polymer 2-{2-[2-(2-{2-[2-(2-ETHOXY-ETHOXY)-ETHOXY]-ETHOXY}-ETHOXY)-ETHOXY]-ETHOXY}-ETHANOL 'C16 H34 O8'
TRS non-polymer 2-AMINO-2-HYDROXYMETHYL-PROPANE-1,3-DIOL 'C4 H12 N O3 1'
ZN non-polymer 'ZINC ION' 'Zn 2'
#
# COMPACT_ATOMS: atom_id res chain seq x y z
N GLY A 1 -0.64 -14.12 21.10
CA GLY A 1 -0.30 -13.64 19.72
C GLY A 1 -1.15 -14.29 18.64
N MSE A 2 -1.89 -13.49 17.88
CA MSE A 2 -2.85 -13.99 16.88
C MSE A 2 -2.13 -14.65 15.68
O MSE A 2 -1.19 -14.06 15.13
CB MSE A 2 -3.79 -12.86 16.45
CG MSE A 2 -4.72 -13.11 15.26
SE MSE A 2 -5.62 -11.42 14.81
CE MSE A 2 -6.76 -11.36 16.43
N GLN A 3 -2.54 -15.85 15.30
CA GLN A 3 -1.92 -16.55 14.17
C GLN A 3 -2.58 -16.03 12.91
N LEU A 4 -1.84 -15.29 12.07
CA LEU A 4 -2.47 -14.68 10.91
C LEU A 4 -2.58 -15.69 9.76
N THR A 5 -3.64 -15.51 8.97
CA THR A 5 -3.88 -16.32 7.77
C THR A 5 -4.29 -15.46 6.57
N SER A 6 -4.28 -16.08 5.40
CA SER A 6 -4.80 -15.45 4.21
C SER A 6 -6.22 -14.92 4.40
N GLU A 7 -7.06 -15.69 5.12
CA GLU A 7 -8.48 -15.34 5.27
CA GLU A 7 -8.47 -15.34 5.26
C GLU A 7 -8.62 -14.12 6.18
N ASN A 8 -7.78 -14.05 7.21
CA ASN A 8 -7.88 -13.03 8.28
C ASN A 8 -6.83 -11.88 8.32
N TYR A 9 -5.90 -11.86 7.37
CA TYR A 9 -4.81 -10.88 7.36
C TYR A 9 -5.30 -9.43 7.45
N TYR A 10 -6.37 -9.13 6.73
CA TYR A 10 -6.89 -7.76 6.63
C TYR A 10 -8.01 -7.52 7.63
N SER A 11 -8.23 -8.45 8.57
CA SER A 11 -9.35 -8.36 9.49
C SER A 11 -9.18 -7.18 10.44
N GLN A 12 -10.29 -6.72 11.00
CA GLN A 12 -10.27 -5.65 12.00
C GLN A 12 -9.36 -5.98 13.17
N GLU A 13 -9.48 -7.20 13.69
CA GLU A 13 -8.61 -7.68 14.78
C GLU A 13 -7.18 -7.95 14.33
N ALA A 14 -6.98 -8.31 13.08
CA ALA A 14 -5.60 -8.43 12.58
C ALA A 14 -4.93 -7.03 12.59
N ASN A 15 -5.70 -5.99 12.29
CA ASN A 15 -5.16 -4.63 12.18
C ASN A 15 -4.98 -3.89 13.50
N LYS A 16 -5.71 -4.30 14.53
CA LYS A 16 -5.52 -3.74 15.86
C LYS A 16 -4.24 -4.29 16.47
N GLU A 17 -4.02 -5.61 16.34
CA GLU A 17 -2.82 -6.26 16.90
C GLU A 17 -1.52 -5.98 16.11
N TYR A 18 -1.62 -5.71 14.82
CA TYR A 18 -0.43 -5.54 14.01
C TYR A 18 -0.43 -4.22 13.22
N MSE A 19 0.58 -3.38 13.45
CA MSE A 19 0.85 -2.25 12.54
C MSE A 19 1.23 -2.85 11.19
O MSE A 19 1.74 -3.98 11.11
CB MSE A 19 2.00 -1.38 13.07
CG MSE A 19 2.43 -0.20 12.21
SE MSE A 19 1.07 1.11 11.95
CE MSE A 19 0.41 1.16 13.76
N SER A 20 0.97 -2.11 10.11
CA SER A 20 1.26 -2.59 8.80
C SER A 20 1.75 -1.41 7.99
N VAL A 21 2.34 -1.68 6.85
CA VAL A 21 2.82 -0.59 6.01
C VAL A 21 1.63 0.29 5.65
N SER A 22 0.50 -0.34 5.35
CA SER A 22 -0.72 0.39 4.97
C SER A 22 -1.27 1.17 6.16
N GLY A 23 -1.39 0.53 7.31
CA GLY A 23 -1.68 1.23 8.58
C GLY A 23 -0.83 2.48 8.84
N TYR A 24 0.46 2.36 8.66
CA TYR A 24 1.36 3.45 8.94
C TYR A 24 1.04 4.65 8.06
N LYS A 25 0.93 4.40 6.74
CA LYS A 25 0.63 5.47 5.81
C LYS A 25 -0.72 6.18 6.10
N ASP A 26 -1.74 5.46 6.58
CA ASP A 26 -3.01 6.09 6.99
C ASP A 26 -2.70 7.26 7.94
N PHE A 27 -1.89 6.96 8.96
CA PHE A 27 -1.48 7.98 9.89
C PHE A 27 -0.46 8.93 9.31
N ALA A 28 0.60 8.43 8.68
CA ALA A 28 1.77 9.28 8.36
C ALA A 28 1.78 9.90 6.97
N GLY A 29 1.06 9.29 6.03
CA GLY A 29 0.89 9.86 4.69
C GLY A 29 2.12 9.67 3.79
N THR A 30 2.00 10.13 2.57
CA THR A 30 3.11 10.08 1.64
C THR A 30 3.11 11.44 0.94
N TYR A 31 4.12 11.71 0.11
CA TYR A 31 4.10 12.90 -0.71
C TYR A 31 2.83 13.01 -1.52
N GLY A 32 2.23 11.89 -1.92
CA GLY A 32 1.02 11.89 -2.74
C GLY A 32 -0.33 11.94 -2.03
N LYS A 33 -0.31 11.87 -0.71
CA LYS A 33 -1.54 11.79 0.08
C LYS A 33 -1.27 12.35 1.50
N MSE A 34 -2.01 13.38 1.88
CA MSE A 34 -1.87 14.04 3.19
C MSE A 34 -2.05 12.99 4.32
O MSE A 34 -2.84 12.07 4.19
CB MSE A 34 -2.92 15.20 3.35
CG MSE A 34 -2.35 16.61 3.80
SE MSE A 34 -0.75 17.17 2.71
CE MSE A 34 0.82 16.94 3.92
N PRO A 35 -1.31 13.13 5.43
CA PRO A 35 -1.66 12.28 6.56
C PRO A 35 -3.03 12.68 7.13
N CYS A 36 -3.70 11.73 7.78
CA CYS A 36 -4.94 12.02 8.53
C CYS A 36 -5.13 10.96 9.61
N GLU A 37 -4.89 11.37 10.86
CA GLU A 37 -4.93 10.45 12.01
C GLU A 37 -6.35 9.90 12.28
N PHE A 38 -7.33 10.80 12.21
CA PHE A 38 -8.74 10.49 12.34
C PHE A 38 -9.14 9.39 11.37
N TYR A 39 -8.86 9.58 10.07
CA TYR A 39 -9.13 8.57 9.06
C TYR A 39 -8.57 7.21 9.45
N GLY A 40 -7.36 7.24 10.00
CA GLY A 40 -6.71 6.03 10.44
C GLY A 40 -7.39 5.33 11.60
N MSE A 41 -7.96 6.14 12.49
CA MSE A 41 -8.63 5.62 13.70
C MSE A 41 -10.05 5.16 13.35
O MSE A 41 -10.49 4.13 13.80
CB MSE A 41 -8.68 6.69 14.80
CG MSE A 41 -7.32 6.99 15.44
SE MSE A 41 -6.62 5.48 16.41
CE MSE A 41 -7.58 5.85 18.07
N GLU A 42 -10.75 5.90 12.48
CA GLU A 42 -12.04 5.45 11.99
C GLU A 42 -11.98 4.13 11.17
N LYS A 43 -10.91 3.92 10.40
CA LYS A 43 -10.70 2.62 9.71
C LYS A 43 -10.50 1.45 10.68
N LEU A 44 -9.75 1.69 11.75
CA LEU A 44 -9.50 0.69 12.79
C LEU A 44 -10.77 0.29 13.54
N ASN A 45 -11.51 1.29 14.05
CA ASN A 45 -12.83 1.11 14.71
C ASN A 45 -13.84 0.35 13.85
N GLY A 46 -13.68 0.42 12.52
CA GLY A 46 -14.67 -0.10 11.59
C GLY A 46 -15.83 0.85 11.33
N ARG A 47 -15.64 2.14 11.55
CA ARG A 47 -16.69 3.13 11.33
C ARG A 47 -16.53 3.85 9.99
N TRP A 48 -15.43 3.57 9.30
CA TRP A 48 -15.19 4.05 7.96
C TRP A 48 -14.56 2.92 7.15
N GLU A 49 -15.26 2.45 6.09
CA GLU A 49 -14.65 1.58 5.03
C GLU A 49 -14.60 2.39 3.73
N ASP A 50 -13.46 2.37 3.04
CA ASP A 50 -13.31 3.10 1.78
C ASP A 50 -14.18 2.49 0.68
N GLU A 51 -14.73 3.36 -0.16
CA GLU A 51 -15.29 2.96 -1.47
C GLU A 51 -14.11 2.35 -2.26
N LYS A 52 -14.24 1.05 -2.59
CA LYS A 52 -13.20 0.29 -3.33
C LYS A 52 -12.93 0.99 -4.69
N SER A 53 -11.65 1.10 -5.07
CA SER A 53 -11.26 1.90 -6.24
C SER A 53 -10.88 1.06 -7.44
N THR A 54 -11.15 1.55 -8.66
CA THR A 54 -10.83 0.85 -9.91
C THR A 54 -9.36 0.44 -9.92
N ALA A 55 -8.48 1.36 -9.50
CA ALA A 55 -7.03 1.17 -9.51
C ALA A 55 -6.61 0.01 -8.62
N LEU A 56 -7.16 -0.04 -7.41
CA LEU A 56 -6.86 -1.08 -6.42
C LEU A 56 -7.39 -2.44 -6.87
N LEU A 57 -8.63 -2.42 -7.37
CA LEU A 57 -9.25 -3.60 -7.91
C LEU A 57 -8.47 -4.16 -9.12
N VAL A 58 -8.08 -3.33 -10.09
CA VAL A 58 -7.18 -3.82 -11.13
C VAL A 58 -5.99 -4.54 -10.52
N GLY A 59 -5.23 -3.85 -9.67
CA GLY A 59 -4.09 -4.42 -9.01
C GLY A 59 -4.34 -5.70 -8.25
N SER A 60 -5.45 -5.82 -7.51
CA SER A 60 -5.75 -7.11 -6.82
C SER A 60 -6.11 -8.27 -7.82
N TYR A 61 -6.65 -7.89 -8.98
CA TYR A 61 -7.05 -8.87 -9.99
C TYR A 61 -5.80 -9.58 -10.45
N VAL A 62 -4.78 -8.78 -10.69
CA VAL A 62 -3.50 -9.26 -11.14
C VAL A 62 -2.81 -10.06 -10.05
N ASP A 63 -2.83 -9.59 -8.80
CA ASP A 63 -2.28 -10.41 -7.68
C ASP A 63 -2.93 -11.78 -7.66
N SER A 64 -4.25 -11.74 -7.73
CA SER A 64 -5.02 -12.94 -7.70
C SER A 64 -4.70 -13.90 -8.84
N TYR A 65 -4.42 -13.37 -10.04
CA TYR A 65 -4.00 -14.23 -11.17
C TYR A 65 -2.74 -15.00 -10.78
N PHE A 66 -1.73 -14.32 -10.24
CA PHE A 66 -0.47 -15.00 -9.92
C PHE A 66 -0.53 -15.98 -8.74
N GLU A 67 -1.45 -15.75 -7.81
CA GLU A 67 -1.67 -16.63 -6.63
C GLU A 67 -2.54 -17.84 -6.96
N GLY A 68 -3.27 -17.79 -8.09
CA GLY A 68 -4.18 -18.89 -8.47
C GLY A 68 -5.44 -18.85 -7.64
N SER A 69 -5.88 -17.65 -7.32
CA SER A 69 -7.05 -17.39 -6.51
C SER A 69 -8.03 -16.48 -7.27
N LEU A 70 -7.97 -16.50 -8.61
CA LEU A 70 -8.74 -15.60 -9.44
C LEU A 70 -10.22 -15.93 -9.42
N ASP A 71 -10.57 -17.22 -9.39
CA ASP A 71 -11.98 -17.62 -9.40
C ASP A 71 -12.71 -17.00 -8.23
N GLN A 72 -12.05 -17.07 -7.06
CA GLN A 72 -12.63 -16.58 -5.83
C GLN A 72 -12.57 -15.09 -5.78
N PHE A 73 -11.55 -14.47 -6.35
CA PHE A 73 -11.56 -13.01 -6.43
C PHE A 73 -12.81 -12.49 -7.19
N LYS A 74 -13.09 -13.14 -8.32
CA LYS A 74 -14.20 -12.73 -9.15
C LYS A 74 -15.52 -12.91 -8.42
N LYS A 75 -15.65 -14.02 -7.69
CA LYS A 75 -16.81 -14.27 -6.88
C LYS A 75 -17.01 -13.20 -5.82
N ASP A 76 -15.93 -12.76 -5.17
CA ASP A 76 -16.05 -11.82 -4.06
C ASP A 76 -16.23 -10.36 -4.50
N ASN A 77 -15.98 -10.08 -5.78
CA ASN A 77 -15.99 -8.72 -6.35
C ASN A 77 -16.81 -8.59 -7.67
N PRO A 78 -18.11 -8.91 -7.61
CA PRO A 78 -19.01 -8.88 -8.80
C PRO A 78 -19.09 -7.55 -9.52
N GLU A 79 -18.62 -6.50 -8.88
CA GLU A 79 -18.70 -5.15 -9.47
C GLU A 79 -17.65 -4.90 -10.56
N ILE A 80 -16.75 -5.86 -10.79
CA ILE A 80 -15.81 -5.79 -11.90
C ILE A 80 -16.43 -6.19 -13.25
N PHE A 81 -17.67 -6.72 -13.24
CA PHE A 81 -18.38 -7.10 -14.48
C PHE A 81 -19.55 -6.17 -14.77
N THR A 82 -19.82 -5.98 -16.06
CA THR A 82 -20.98 -5.24 -16.51
C THR A 82 -22.21 -6.06 -16.16
N GLN A 83 -23.34 -5.40 -16.18
CA GLN A 83 -24.61 -6.05 -15.92
C GLN A 83 -24.87 -7.10 -17.01
N LYS A 84 -24.32 -6.88 -18.22
CA LYS A 84 -24.55 -7.80 -19.32
C LYS A 84 -23.73 -9.08 -19.17
N GLY A 85 -22.73 -9.07 -18.28
CA GLY A 85 -21.90 -10.26 -17.97
C GLY A 85 -20.40 -10.17 -18.28
N GLU A 86 -20.00 -9.18 -19.09
CA GLU A 86 -18.61 -9.05 -19.53
CA GLU A 86 -18.61 -9.04 -19.54
C GLU A 86 -17.76 -8.23 -18.56
N LEU A 87 -16.46 -8.54 -18.51
CA LEU A 87 -15.49 -7.80 -17.70
C LEU A 87 -15.46 -6.37 -18.19
N LYS A 88 -15.48 -5.45 -17.25
CA LYS A 88 -15.39 -4.05 -17.59
C LYS A 88 -14.01 -3.80 -18.21
N ALA A 89 -13.88 -2.72 -18.98
CA ALA A 89 -12.69 -2.49 -19.83
C ALA A 89 -11.36 -2.48 -19.06
N ASN A 90 -11.41 -1.98 -17.82
CA ASN A 90 -10.19 -1.84 -17.04
C ASN A 90 -9.61 -3.20 -16.74
N PHE A 91 -10.50 -4.17 -16.59
CA PHE A 91 -10.10 -5.57 -16.34
C PHE A 91 -9.74 -6.34 -17.61
N LYS A 92 -10.42 -6.07 -18.72
CA LYS A 92 -9.95 -6.60 -19.99
C LYS A 92 -8.54 -6.07 -20.27
N GLN A 93 -8.24 -4.83 -19.91
CA GLN A 93 -6.86 -4.36 -19.97
C GLN A 93 -5.92 -5.05 -18.95
N ALA A 94 -6.36 -5.23 -17.70
CA ALA A 94 -5.58 -6.05 -16.76
C ALA A 94 -5.09 -7.35 -17.41
N GLU A 95 -5.96 -8.08 -18.11
CA GLU A 95 -5.47 -9.33 -18.75
C GLU A 95 -4.45 -9.02 -19.82
N GLU A 96 -4.60 -7.88 -20.49
CA GLU A 96 -3.60 -7.47 -21.49
C GLU A 96 -2.25 -7.27 -20.86
N ILE A 97 -2.27 -6.62 -19.72
CA ILE A 97 -1.04 -6.37 -18.98
C ILE A 97 -0.44 -7.71 -18.54
N ILE A 98 -1.25 -8.62 -17.99
CA ILE A 98 -0.72 -9.95 -17.55
C ILE A 98 -0.01 -10.68 -18.69
N ALA A 99 -0.62 -10.68 -19.86
CA ALA A 99 -0.04 -11.39 -21.01
C ALA A 99 1.28 -10.76 -21.41
N ARG A 100 1.36 -9.44 -21.25
CA ARG A 100 2.56 -8.69 -21.60
C ARG A 100 3.74 -9.06 -20.70
N ILE A 101 3.46 -9.13 -19.40
CA ILE A 101 4.40 -9.63 -18.36
C ILE A 101 4.82 -11.06 -18.66
N GLU A 102 3.87 -11.89 -19.02
CA GLU A 102 4.17 -13.31 -19.18
C GLU A 102 5.10 -13.61 -20.32
N ARG A 103 5.11 -12.79 -21.37
CA ARG A 103 6.03 -13.05 -22.48
C ARG A 103 7.49 -12.53 -22.27
N ASP A 104 7.77 -11.95 -21.09
CA ASP A 104 9.12 -11.53 -20.69
C ASP A 104 9.77 -12.47 -19.63
N GLU A 105 10.72 -13.31 -20.05
CA GLU A 105 11.38 -14.27 -19.16
C GLU A 105 12.01 -13.61 -17.95
N TYR A 106 12.72 -12.50 -18.17
CA TYR A 106 13.41 -11.82 -17.08
C TYR A 106 12.40 -11.36 -16.00
N PHE A 107 11.35 -10.70 -16.43
CA PHE A 107 10.34 -10.22 -15.50
C PHE A 107 9.75 -11.43 -14.79
N MSE A 108 9.38 -12.47 -15.55
CA MSE A 108 8.81 -13.68 -14.91
C MSE A 108 9.77 -14.30 -13.86
O MSE A 108 9.32 -14.96 -12.97
CB MSE A 108 8.34 -14.74 -15.92
CG MSE A 108 7.04 -14.41 -16.65
SE MSE A 108 5.61 -13.90 -15.51
CE MSE A 108 5.07 -15.65 -14.93
N LYS A 109 11.06 -14.07 -13.94
CA LYS A 109 11.93 -14.66 -12.92
C LYS A 109 11.72 -13.98 -11.58
N TYR A 110 11.42 -12.69 -11.58
CA TYR A 110 11.24 -11.99 -10.30
C TYR A 110 9.88 -12.35 -9.69
N MSE A 111 8.97 -12.79 -10.56
CA MSE A 111 7.66 -13.18 -10.12
C MSE A 111 7.65 -14.66 -9.71
O MSE A 111 6.59 -15.17 -9.37
CB MSE A 111 6.63 -12.95 -11.23
CG MSE A 111 6.47 -11.53 -11.59
SE MSE A 111 5.82 -10.48 -10.07
CE MSE A 111 4.33 -11.53 -9.40
N SER A 112 8.80 -15.33 -9.69
CA SER A 112 8.76 -16.80 -9.51
C SER A 112 8.82 -17.24 -8.02
N GLY A 113 8.81 -16.29 -7.07
CA GLY A 113 8.94 -16.66 -5.65
C GLY A 113 7.64 -17.16 -5.04
N GLN A 114 7.71 -17.54 -3.78
CA GLN A 114 6.50 -17.88 -3.01
C GLN A 114 5.53 -16.69 -3.11
N LYS A 115 4.22 -17.00 -3.15
CA LYS A 115 3.18 -16.05 -3.50
C LYS A 115 2.37 -15.65 -2.26
N GLN A 116 2.21 -14.33 -2.03
CA GLN A 116 1.46 -13.79 -0.84
C GLN A 116 1.89 -14.38 0.54
N VAL A 117 3.19 -14.28 0.82
CA VAL A 117 3.82 -14.81 2.02
C VAL A 117 3.66 -13.87 3.19
N ILE A 118 3.05 -14.33 4.28
CA ILE A 118 2.80 -13.51 5.49
C ILE A 118 3.92 -13.74 6.51
N MSE A 119 4.49 -12.66 7.01
CA MSE A 119 5.54 -12.71 8.07
C MSE A 119 5.21 -11.70 9.17
O MSE A 119 4.38 -10.82 8.97
CB MSE A 119 6.93 -12.42 7.48
CG MSE A 119 7.54 -13.56 6.74
SE MSE A 119 9.44 -13.38 6.59
CE MSE A 119 9.76 -14.94 5.46
N THR A 120 5.86 -11.84 10.33
CA THR A 120 5.53 -10.99 11.48
C THR A 120 6.78 -10.53 12.18
N GLY A 121 6.69 -9.39 12.87
CA GLY A 121 7.82 -8.82 13.61
C GLY A 121 7.53 -7.74 14.63
N GLU A 122 8.61 -7.17 15.17
CA GLU A 122 8.56 -6.13 16.21
CA GLU A 122 8.53 -6.15 16.20
C GLU A 122 9.42 -4.98 15.71
N LEU A 123 8.88 -3.75 15.76
CA LEU A 123 9.63 -2.55 15.34
C LEU A 123 9.13 -1.31 16.03
N PHE A 124 10.06 -0.56 16.61
CA PHE A 124 9.77 0.78 17.08
C PHE A 124 8.53 0.87 17.98
N GLY A 125 8.20 -0.19 18.73
CA GLY A 125 7.10 -0.13 19.70
C GLY A 125 5.99 -1.15 19.50
N ALA A 126 5.67 -1.50 18.27
CA ALA A 126 4.54 -2.43 18.01
C ALA A 126 4.99 -3.73 17.34
N LYS A 127 4.08 -4.68 17.32
CA LYS A 127 4.17 -5.82 16.42
C LYS A 127 3.76 -5.30 15.03
N TRP A 128 4.35 -5.83 13.96
CA TRP A 128 3.98 -5.51 12.57
C TRP A 128 3.61 -6.76 11.77
N LYS A 129 2.96 -6.58 10.63
CA LYS A 129 2.71 -7.68 9.68
C LYS A 129 3.05 -7.23 8.26
N ILE A 130 3.52 -8.18 7.45
CA ILE A 130 3.75 -7.95 6.01
C ILE A 130 3.20 -9.13 5.22
N LYS A 131 2.94 -8.88 3.94
CA LYS A 131 2.47 -9.89 3.00
C LYS A 131 3.09 -9.56 1.64
N MSE A 132 3.97 -10.41 1.13
CA MSE A 132 4.84 -10.07 -0.01
C MSE A 132 4.32 -10.75 -1.29
O MSE A 132 3.97 -11.92 -1.28
CB MSE A 132 6.27 -10.52 0.28
CG MSE A 132 6.90 -10.00 1.59
SE MSE A 132 8.69 -10.74 1.88
CE MSE A 132 8.15 -12.34 2.85
N ASP A 133 4.29 -10.02 -2.41
CA ASP A 133 3.73 -10.57 -3.65
C ASP A 133 4.50 -11.80 -4.12
N SER A 134 5.83 -11.67 -4.21
CA SER A 134 6.74 -12.74 -4.73
C SER A 134 8.03 -12.71 -3.92
N TYR A 135 8.25 -13.73 -3.07
CA TYR A 135 9.39 -13.81 -2.15
C TYR A 135 10.24 -14.98 -2.55
N ILE A 136 11.52 -14.72 -2.86
CA ILE A 136 12.48 -15.74 -3.23
C ILE A 136 13.42 -15.91 -2.04
N PRO A 137 13.29 -17.03 -1.31
CA PRO A 137 14.04 -17.11 -0.05
C PRO A 137 15.55 -17.02 -0.28
N GLY A 138 16.20 -16.17 0.50
CA GLY A 138 17.64 -15.95 0.38
C GLY A 138 18.10 -15.17 -0.84
N VAL A 139 17.16 -14.60 -1.62
CA VAL A 139 17.56 -13.81 -2.81
C VAL A 139 16.83 -12.45 -2.97
N ALA A 140 15.51 -12.39 -2.83
CA ALA A 140 14.82 -11.13 -3.10
C ALA A 140 13.40 -11.10 -2.65
N ILE A 141 12.94 -9.85 -2.40
CA ILE A 141 11.57 -9.48 -2.09
C ILE A 141 11.09 -8.65 -3.28
N VAL A 142 10.00 -9.10 -3.91
CA VAL A 142 9.50 -8.46 -5.13
C VAL A 142 8.05 -8.04 -4.84
N ASP A 143 7.72 -6.82 -5.26
CA ASP A 143 6.36 -6.34 -5.19
C ASP A 143 5.90 -5.91 -6.57
N LEU A 144 4.76 -6.50 -6.99
CA LEU A 144 4.12 -6.16 -8.25
C LEU A 144 3.25 -4.99 -7.97
N LYS A 145 3.41 -4.01 -8.88
CA LYS A 145 2.58 -2.81 -8.93
C LYS A 145 2.14 -2.54 -10.35
N VAL A 146 0.83 -2.32 -10.52
CA VAL A 146 0.27 -1.90 -11.77
C VAL A 146 -0.10 -0.41 -11.63
N MSE A 147 0.53 0.47 -12.39
CA MSE A 147 0.33 1.91 -12.22
C MSE A 147 0.10 2.64 -13.57
O MSE A 147 0.21 2.03 -14.63
CB MSE A 147 1.54 2.46 -11.44
CG MSE A 147 2.82 2.46 -12.23
SE MSE A 147 4.51 2.62 -11.15
CE MSE A 147 4.51 0.90 -10.35
N ALA A 148 -0.19 3.95 -13.54
CA ALA A 148 -0.38 4.75 -14.76
C ALA A 148 0.93 4.95 -15.50
N SER A 149 1.97 5.24 -14.74
CA SER A 149 3.31 5.53 -15.27
C SER A 149 4.43 5.15 -14.34
N ILE A 150 5.48 4.57 -14.92
CA ILE A 150 6.78 4.36 -14.28
C ILE A 150 7.70 5.58 -14.39
N THR A 151 7.74 6.21 -15.57
CA THR A 151 8.70 7.29 -15.87
C THR A 151 8.28 8.70 -15.46
N ASP A 152 6.98 8.93 -15.23
CA ASP A 152 6.51 10.25 -14.83
C ASP A 152 7.06 10.64 -13.48
N LEU A 153 7.62 11.86 -13.46
CA LEU A 153 8.09 12.55 -12.26
C LEU A 153 7.01 13.51 -11.78
N LYS A 154 6.91 13.70 -10.46
CA LYS A 154 5.94 14.63 -9.87
C LYS A 154 6.61 15.69 -8.98
N TRP A 155 6.15 16.92 -9.12
CA TRP A 155 6.69 18.07 -8.41
C TRP A 155 6.29 18.03 -6.94
N VAL A 156 7.25 18.17 -6.04
CA VAL A 156 6.97 18.27 -4.62
C VAL A 156 7.53 19.61 -4.14
N LYS A 157 6.70 20.33 -3.39
CA LYS A 157 7.02 21.67 -2.92
C LYS A 157 8.27 21.70 -2.04
N ASP A 158 9.21 22.57 -2.43
CA ASP A 158 10.51 22.77 -1.77
C ASP A 158 11.43 21.54 -1.86
N ILE A 159 11.02 20.52 -2.61
CA ILE A 159 11.87 19.35 -2.93
C ILE A 159 12.13 19.27 -4.45
N GLY A 160 11.10 19.49 -5.28
CA GLY A 160 11.25 19.43 -6.76
C GLY A 160 10.76 18.10 -7.35
N TYR A 161 11.27 17.72 -8.51
CA TYR A 161 10.78 16.52 -9.19
C TYR A 161 11.18 15.23 -8.47
N LEU A 162 10.18 14.39 -8.22
CA LEU A 162 10.41 13.16 -7.50
C LEU A 162 9.92 11.95 -8.32
N ASP A 163 10.71 10.89 -8.32
CA ASP A 163 10.35 9.61 -8.95
C ASP A 163 9.17 9.01 -8.20
N PHE A 164 8.51 8.02 -8.81
CA PHE A 164 7.31 7.43 -8.21
C PHE A 164 7.53 6.68 -6.91
N VAL A 165 8.71 6.05 -6.77
CA VAL A 165 9.04 5.26 -5.56
C VAL A 165 9.08 6.11 -4.34
N ARG A 166 9.87 7.18 -4.40
CA ARG A 166 9.91 8.09 -3.26
C ARG A 166 8.61 8.86 -3.11
N TYR A 167 7.98 9.23 -4.21
CA TYR A 167 6.74 10.05 -4.12
C TYR A 167 5.60 9.32 -3.42
N TRP A 168 5.43 8.03 -3.71
CA TRP A 168 4.32 7.27 -3.14
C TRP A 168 4.73 6.45 -1.92
N GLY A 169 5.95 6.65 -1.44
CA GLY A 169 6.38 5.97 -0.23
C GLY A 169 6.61 4.46 -0.40
N TYR A 170 6.95 4.00 -1.59
CA TYR A 170 7.30 2.59 -1.75
C TYR A 170 8.69 2.34 -1.19
N ASP A 171 9.41 3.41 -0.89
CA ASP A 171 10.64 3.26 -0.12
C ASP A 171 10.28 2.78 1.29
N ILE A 172 9.18 3.26 1.87
CA ILE A 172 8.71 2.77 3.20
C ILE A 172 8.38 1.27 3.13
N GLN A 173 7.55 0.88 2.19
CA GLN A 173 7.19 -0.53 2.06
C GLN A 173 8.42 -1.45 1.97
N GLY A 174 9.36 -1.09 1.09
CA GLY A 174 10.55 -1.89 0.92
C GLY A 174 11.35 -2.04 2.20
N ALA A 175 11.55 -0.91 2.92
CA ALA A 175 12.32 -0.87 4.16
C ALA A 175 11.80 -1.79 5.24
N VAL A 176 10.48 -1.79 5.41
CA VAL A 176 9.83 -2.57 6.47
C VAL A 176 9.85 -4.02 6.08
N TYR A 177 9.40 -4.30 4.86
CA TYR A 177 9.43 -5.67 4.33
C TYR A 177 10.82 -6.32 4.54
N GLN A 178 11.88 -5.62 4.12
CA GLN A 178 13.27 -6.06 4.29
C GLN A 178 13.64 -6.40 5.73
N GLU A 179 13.34 -5.47 6.63
CA GLU A 179 13.65 -5.59 8.03
C GLU A 179 12.89 -6.72 8.69
N ILE A 180 11.60 -6.88 8.40
CA ILE A 180 10.80 -7.97 9.01
C ILE A 180 11.30 -9.34 8.55
N VAL A 181 11.60 -9.50 7.26
CA VAL A 181 12.26 -10.72 6.74
C VAL A 181 13.59 -10.94 7.50
N ARG A 182 14.31 -9.85 7.75
CA ARG A 182 15.56 -9.99 8.44
C ARG A 182 15.36 -10.51 9.85
N GLN A 183 14.25 -10.18 10.52
CA GLN A 183 14.02 -10.67 11.88
C GLN A 183 13.54 -12.14 11.91
N ASN A 184 13.05 -12.65 10.78
CA ASN A 184 12.63 -14.05 10.66
C ASN A 184 13.74 -14.90 10.08
N THR A 185 14.45 -14.36 9.09
CA THR A 185 15.44 -15.13 8.33
C THR A 185 16.91 -14.92 8.71
N GLY A 186 17.26 -13.73 9.21
CA GLY A 186 18.66 -13.31 9.38
C GLY A 186 19.23 -12.66 8.12
N GLU A 187 18.58 -12.90 6.97
CA GLU A 187 19.11 -12.46 5.69
C GLU A 187 18.52 -11.08 5.33
N LYS A 188 19.41 -10.14 5.01
CA LYS A 188 19.03 -8.84 4.49
C LYS A 188 18.91 -8.88 2.97
N LEU A 189 17.66 -8.88 2.45
CA LEU A 189 17.43 -9.07 1.01
C LEU A 189 17.13 -7.75 0.29
N PRO A 190 17.55 -7.66 -0.99
CA PRO A 190 17.23 -6.53 -1.85
C PRO A 190 15.73 -6.47 -2.22
N PHE A 191 15.25 -5.25 -2.50
CA PHE A 191 13.86 -5.01 -2.78
C PHE A 191 13.72 -4.47 -4.20
N PHE A 192 12.85 -5.14 -4.96
CA PHE A 192 12.52 -4.81 -6.34
C PHE A 192 11.01 -4.61 -6.49
N ILE A 193 10.64 -3.56 -7.22
CA ILE A 193 9.28 -3.36 -7.70
C ILE A 193 9.20 -3.86 -9.13
N ALA A 194 8.25 -4.75 -9.38
CA ALA A 194 8.04 -5.26 -10.71
C ALA A 194 6.88 -4.45 -11.26
N GLY A 195 7.19 -3.38 -11.98
CA GLY A 195 6.17 -2.47 -12.46
C GLY A 195 5.65 -2.72 -13.86
N ALA A 196 4.33 -2.58 -14.03
CA ALA A 196 3.70 -2.57 -15.35
C ALA A 196 2.72 -1.43 -15.38
N THR A 197 2.55 -0.81 -16.55
CA THR A 197 1.65 0.31 -16.66
C THR A 197 0.44 0.05 -17.51
N LYS A 198 -0.54 0.91 -17.29
CA LYS A 198 -1.80 0.87 -18.00
C LYS A 198 -1.78 1.68 -19.28
N GLN A 199 -0.61 2.08 -19.79
CA GLN A 199 -0.51 2.75 -21.07
C GLN A 199 -1.01 1.77 -22.09
N THR A 200 -1.22 2.23 -23.30
CA THR A 200 -1.83 1.37 -24.34
C THR A 200 -0.94 0.21 -24.85
N GLU A 201 0.40 0.42 -24.93
CA GLU A 201 1.37 -0.68 -24.85
C GLU A 201 1.98 -0.51 -23.47
N PRO A 202 1.75 -1.47 -22.57
CA PRO A 202 2.28 -1.34 -21.23
C PRO A 202 3.81 -1.21 -21.19
N ASP A 203 4.28 -0.33 -20.34
CA ASP A 203 5.69 -0.19 -19.99
C ASP A 203 5.98 -1.22 -18.93
N ILE A 204 7.00 -2.06 -19.12
CA ILE A 204 7.44 -2.98 -18.06
C ILE A 204 8.90 -2.74 -17.65
N ARG A 205 9.15 -2.80 -16.32
CA ARG A 205 10.48 -2.63 -15.69
C ARG A 205 10.56 -3.40 -14.39
N ILE A 206 11.74 -3.95 -14.11
CA ILE A 206 12.14 -4.35 -12.76
C ILE A 206 12.96 -3.21 -12.16
N ILE A 207 12.53 -2.64 -11.03
CA ILE A 207 13.23 -1.50 -10.42
C ILE A 207 13.80 -1.88 -9.04
N HIS A 208 15.13 -1.89 -8.92
CA HIS A 208 15.80 -2.07 -7.62
C HIS A 208 15.80 -0.76 -6.82
N VAL A 209 15.17 -0.80 -5.64
CA VAL A 209 15.16 0.32 -4.70
C VAL A 209 16.30 0.07 -3.71
N THR A 210 17.40 0.81 -3.82
CA THR A 210 18.62 0.49 -3.14
C THR A 210 18.58 0.77 -1.63
N ASP A 211 19.47 0.12 -0.89
CA ASP A 211 19.40 0.12 0.57
C ASP A 211 19.64 1.50 1.21
N ASN A 212 20.33 2.42 0.53
CA ASN A 212 20.41 3.84 1.01
C ASN A 212 19.09 4.57 1.14
N TYR A 213 18.17 4.28 0.22
CA TYR A 213 16.83 4.86 0.22
C TYR A 213 15.94 4.14 1.26
N LEU A 214 16.10 2.81 1.36
CA LEU A 214 15.36 2.04 2.34
C LEU A 214 15.76 2.51 3.73
N GLN A 215 17.06 2.72 3.96
CA GLN A 215 17.58 3.20 5.25
C GLN A 215 17.02 4.56 5.64
N GLU A 216 16.98 5.51 4.70
CA GLU A 216 16.46 6.86 5.02
C GLU A 216 14.96 6.82 5.37
N ALA A 217 14.22 5.90 4.74
CA ALA A 217 12.77 5.78 4.98
C ALA A 217 12.44 5.04 6.28
N LEU A 218 13.25 4.04 6.64
CA LEU A 218 13.05 3.29 7.89
C LEU A 218 13.31 4.22 9.05
N HIS A 219 14.20 5.19 8.82
CA HIS A 219 14.48 6.25 9.79
C HIS A 219 13.26 7.14 10.01
N MSE A 220 12.69 7.67 8.94
CA MSE A 220 11.44 8.45 9.03
C MSE A 220 10.31 7.71 9.75
O MSE A 220 9.56 8.31 10.51
CB MSE A 220 10.98 8.89 7.63
CG MSE A 220 11.72 10.13 7.06
SE MSE A 220 11.78 11.65 8.32
CE MSE A 220 9.86 12.16 8.23
N VAL A 221 10.19 6.42 9.50
CA VAL A 221 9.22 5.56 10.20
C VAL A 221 9.47 5.64 11.70
N GLU A 222 10.73 5.44 12.08
CA GLU A 222 11.14 5.55 13.49
C GLU A 222 10.77 6.88 14.12
N MSE A 223 10.93 7.99 13.40
CA MSE A 223 10.66 9.34 13.98
C MSE A 223 9.17 9.57 14.22
O MSE A 223 8.79 10.26 15.15
CB MSE A 223 11.18 10.49 13.10
CG MSE A 223 12.71 10.60 12.94
SE MSE A 223 13.80 10.58 14.58
CE MSE A 223 14.34 8.69 14.73
N ASN A 224 8.33 9.00 13.34
CA ASN A 224 6.88 9.20 13.39
C ASN A 224 6.13 8.22 14.26
N MSE A 225 6.70 7.04 14.54
CA MSE A 225 5.93 6.01 15.22
C MSE A 225 5.47 6.39 16.64
O MSE A 225 4.36 5.99 17.03
CB MSE A 225 6.68 4.66 15.27
CG MSE A 225 6.57 3.83 14.01
SE MSE A 225 4.77 3.30 13.73
CE MSE A 225 4.60 2.07 15.17
N PRO A 226 6.30 7.10 17.43
CA PRO A 226 5.80 7.43 18.79
C PRO A 226 4.47 8.20 18.76
N ARG A 227 4.38 9.23 17.92
CA ARG A 227 3.13 9.97 17.79
C ARG A 227 1.96 9.06 17.35
N ILE A 228 2.22 8.22 16.34
CA ILE A 228 1.26 7.18 15.90
C ILE A 228 0.84 6.33 17.11
N LEU A 229 1.79 5.71 17.79
CA LEU A 229 1.43 4.85 18.94
C LEU A 229 0.56 5.55 19.98
N ARG A 230 0.83 6.83 20.24
CA ARG A 230 0.03 7.61 21.19
CA ARG A 230 0.02 7.53 21.22
C ARG A 230 -1.42 7.67 20.70
N VAL A 231 -1.60 8.01 19.43
CA VAL A 231 -2.96 8.14 18.88
C VAL A 231 -3.79 6.80 18.87
N LYS A 232 -3.19 5.71 18.38
CA LYS A 232 -3.85 4.40 18.34
C LYS A 232 -4.22 3.88 19.72
N ASN A 233 -3.52 4.32 20.76
CA ASN A 233 -3.80 3.85 22.13
C ASN A 233 -4.74 4.74 22.94
N GLY A 234 -5.42 5.68 22.29
CA GLY A 234 -6.43 6.51 22.97
C GLY A 234 -5.84 7.50 23.97
N GLU A 235 -4.54 7.74 23.82
CA GLU A 235 -3.76 8.56 24.76
C GLU A 235 -3.81 10.03 24.31
N VAL A 236 -4.09 10.25 23.02
CA VAL A 236 -4.38 11.59 22.52
C VAL A 236 -5.44 11.56 21.43
N GLU A 237 -6.17 12.66 21.31
CA GLU A 237 -7.18 12.82 20.27
C GLU A 237 -6.48 12.98 18.90
N PRO A 238 -6.89 12.16 17.90
CA PRO A 238 -6.35 12.26 16.54
C PRO A 238 -6.71 13.55 15.82
N ASP A 239 -5.76 14.13 15.10
CA ASP A 239 -6.08 15.29 14.26
C ASP A 239 -6.83 14.87 12.99
N ARG A 240 -7.62 15.78 12.45
CA ARG A 240 -8.34 15.59 11.20
C ARG A 240 -7.72 16.45 10.13
N CYS A 241 -7.41 15.87 8.96
CA CYS A 241 -6.83 16.64 7.87
C CYS A 241 -7.89 17.57 7.34
N GLU A 242 -9.14 17.20 7.53
CA GLU A 242 -10.26 17.96 7.00
C GLU A 242 -10.24 18.06 5.46
N LEU A 243 -9.49 17.20 4.80
CA LEU A 243 -9.43 17.20 3.35
C LEU A 243 -9.74 15.83 2.70
N CYS A 244 -10.17 14.84 3.48
CA CYS A 244 -10.47 13.51 2.96
C CYS A 244 -11.98 13.28 3.11
N ASP A 245 -12.47 12.21 2.49
CA ASP A 245 -13.90 11.93 2.45
C ASP A 245 -14.42 11.59 3.86
N CYS A 246 -13.62 10.87 4.65
CA CYS A 246 -13.97 10.52 6.05
C CYS A 246 -14.17 11.78 6.86
N CYS A 247 -13.20 12.68 6.79
CA CYS A 247 -13.31 13.98 7.44
C CYS A 247 -14.59 14.71 7.05
N ARG A 248 -14.93 14.68 5.77
CA ARG A 248 -16.06 15.43 5.27
C ARG A 248 -17.39 14.82 5.70
N HIS A 249 -17.46 13.49 5.66
CA HIS A 249 -18.64 12.75 6.15
C HIS A 249 -18.93 13.04 7.61
N ASN A 250 -17.87 13.16 8.39
CA ASN A 250 -17.99 13.36 9.84
C ASN A 250 -18.05 14.80 10.34
N ARG A 251 -17.96 15.80 9.46
CA ARG A 251 -17.92 17.19 9.90
C ARG A 251 -19.27 17.62 10.38
N VAL A 252 -19.28 18.42 11.45
CA VAL A 252 -20.48 18.96 12.05
C VAL A 252 -20.15 20.40 12.27
N LEU A 253 -20.75 21.27 11.47
CA LEU A 253 -20.42 22.69 11.51
C LEU A 253 -20.99 23.41 12.74
N LYS A 254 -20.20 24.32 13.31
CA LYS A 254 -20.60 25.08 14.45
C LYS A 254 -20.25 26.55 14.25
N LYS A 255 -19.42 26.87 13.25
CA LYS A 255 -18.97 28.24 13.06
C LYS A 255 -18.63 28.55 11.62
N PRO A 256 -18.77 29.80 11.23
CA PRO A 256 -18.39 30.24 9.89
C PRO A 256 -16.90 30.30 9.71
N ILE A 257 -16.38 29.83 8.57
CA ILE A 257 -15.06 30.24 8.14
C ILE A 257 -15.10 31.55 7.36
N SER A 258 -13.93 32.04 6.94
CA SER A 258 -13.81 33.28 6.17
C SER A 258 -12.77 33.01 5.08
N ILE A 259 -12.41 34.01 4.28
CA ILE A 259 -11.30 33.87 3.29
C ILE A 259 -9.95 33.58 3.96
N MSE A 260 -9.69 34.18 5.13
CA MSE A 260 -8.42 33.84 5.86
C MSE A 260 -8.25 32.32 5.97
O MSE A 260 -7.18 31.76 5.71
CB MSE A 260 -8.36 34.41 7.30
CG MSE A 260 -8.27 35.90 7.45
SE MSE A 260 -7.26 36.81 6.10
CE MSE A 260 -8.60 38.12 6.11
N ASP A 261 -9.33 31.64 6.34
CA ASP A 261 -9.28 30.18 6.48
C ASP A 261 -8.90 29.46 5.18
N LEU A 262 -9.34 29.98 4.05
CA LEU A 262 -9.00 29.36 2.75
C LEU A 262 -7.55 29.61 2.33
N THR A 263 -6.98 30.77 2.66
CA THR A 263 -5.60 31.14 2.25
C THR A 263 -4.54 30.91 3.34
N ALA A 264 -4.92 30.38 4.49
CA ALA A 264 -3.95 30.13 5.56
C ALA A 264 -2.76 29.33 5.01
N GLY A 265 -1.53 29.82 5.23
CA GLY A 265 -0.31 29.08 4.89
C GLY A 265 0.30 29.31 3.51
N ILE A 266 -0.08 30.42 2.85
CA ILE A 266 0.34 30.71 1.45
C ILE A 266 -0.71 30.12 0.45
ZN ZN B . -8.99 13.49 6.99
C TRS C . 0.90 -5.76 -2.50
C1 TRS C . 1.02 -4.81 -3.74
C2 TRS C . 0.03 -7.03 -2.68
C3 TRS C . 2.29 -6.07 -1.95
N TRS C . 0.23 -4.99 -1.42
O1 TRS C . 1.71 -5.33 -4.85
O2 TRS C . 0.35 -8.00 -1.68
O3 TRS C . 2.35 -6.56 -0.63
O1 PE4 D . 20.29 -11.36 -6.54
C1 PE4 D . 18.91 -11.08 -6.77
C2 PE4 D . 18.60 -11.05 -8.26
O2 PE4 D . 17.22 -11.39 -8.53
C3 PE4 D . 16.90 -12.79 -8.44
C4 PE4 D . 15.78 -13.18 -9.41
O3 PE4 D . 16.27 -14.06 -10.42
C5 PE4 D . 16.97 -13.35 -11.45
C6 PE4 D . 18.30 -14.05 -11.82
O4 PE4 D . 18.42 -14.17 -13.26
C7 PE4 D . 19.38 -15.16 -13.71
C8 PE4 D . 18.94 -16.59 -13.36
O5 PE4 D . 19.27 -17.50 -14.43
C9 PE4 D . 18.46 -18.69 -14.46
C10 PE4 D . 18.71 -19.47 -15.76
O6 PE4 D . 18.01 -18.87 -16.86
#